data_7UVB
#
_entry.id   7UVB
#
_cell.length_a   56.334
_cell.length_b   58.881
_cell.length_c   173.915
_cell.angle_alpha   90.000
_cell.angle_beta   90.000
_cell.angle_gamma   90.000
#
_symmetry.space_group_name_H-M   'P 21 21 21'
#
loop_
_entity.id
_entity.type
_entity.pdbx_description
1 polymer 'Hemoglobin subunit alpha'
2 polymer 'Hemoglobin subunit beta'
3 non-polymer 'PROTOPORPHYRIN IX CONTAINING FE'
4 non-polymer 'FORMYL GROUP'
5 non-polymer 2-hydroxy-6-({(3S)-4-[2-(2-hydroxyethyl)pyridine-3-carbonyl]morpholin-3-yl}methoxy)benzaldehyde
6 water water
#
loop_
_entity_poly.entity_id
_entity_poly.type
_entity_poly.pdbx_seq_one_letter_code
_entity_poly.pdbx_strand_id
1 'polypeptide(L)'
;VLSPADKTNVKAAWGKVGAHAGEYGAEALERMFLSFPTTKTYFPHFDLSHGSAQVKGHGKKVADALTNAVAHVDDMPNAL
SALSDLHAHKLRVDPVNFKLLSHCLLVTLAAHLPAEFTPAVHASLDKFLASVSTVLTSKYR
;
A,C
2 'polypeptide(L)'
;VHLTPVEKSAVTALWGKVNVDEVGGEALGRLLVVYPWTQRFFESFGDLSTPDAVMGNPKVKAHGKKVLGAFSDGLAHLDN
LKGTFATLSELHCDKLHVDPENFRLLGNVLVCVLAHHFGKEFTPPVQAAYQKVVAGVANALAHKYH
;
B,D
#
# COMPACT_ATOMS: atom_id res chain seq x y z
N VAL A 1 7.08 12.60 -4.98
CA VAL A 1 7.98 13.76 -5.06
C VAL A 1 9.42 13.40 -5.43
N LEU A 2 9.95 13.76 -6.61
CA LEU A 2 11.28 13.32 -6.98
C LEU A 2 12.26 14.42 -6.63
N SER A 3 13.40 14.04 -6.12
CA SER A 3 14.49 15.01 -5.96
C SER A 3 14.94 15.45 -7.35
N PRO A 4 15.70 16.53 -7.46
CA PRO A 4 16.30 16.82 -8.77
C PRO A 4 17.12 15.64 -9.28
N ALA A 5 17.92 15.03 -8.41
CA ALA A 5 18.63 13.80 -8.72
C ALA A 5 17.70 12.72 -9.30
N ASP A 6 16.55 12.49 -8.66
CA ASP A 6 15.65 11.43 -9.13
C ASP A 6 15.32 11.66 -10.61
N LYS A 7 15.04 12.91 -10.97
CA LYS A 7 14.65 13.16 -12.35
C LYS A 7 15.83 13.01 -13.30
N THR A 8 17.04 13.37 -12.88
CA THR A 8 18.18 13.09 -13.75
C THR A 8 18.39 11.59 -13.90
N ASN A 9 18.10 10.81 -12.84
CA ASN A 9 18.32 9.38 -12.89
C ASN A 9 17.34 8.72 -13.87
N VAL A 10 16.07 9.08 -13.74
CA VAL A 10 15.05 8.53 -14.63
C VAL A 10 15.27 9.01 -16.05
N LYS A 11 15.50 10.32 -16.21
CA LYS A 11 15.96 10.86 -17.48
C LYS A 11 17.09 10.02 -18.06
N ALA A 12 18.17 9.87 -17.30
CA ALA A 12 19.33 9.14 -17.80
C ALA A 12 18.99 7.67 -18.02
N ALA A 13 18.42 7.00 -16.99
CA ALA A 13 18.14 5.58 -17.13
C ALA A 13 17.14 5.31 -18.25
N TRP A 14 16.05 6.08 -18.28
CA TRP A 14 14.99 5.77 -19.22
C TRP A 14 15.38 6.13 -20.64
N GLY A 15 16.19 7.17 -20.80
CA GLY A 15 16.72 7.48 -22.12
C GLY A 15 17.39 6.28 -22.77
N LYS A 16 18.18 5.53 -22.00
CA LYS A 16 18.90 4.44 -22.63
C LYS A 16 17.97 3.37 -23.21
N VAL A 17 16.69 3.36 -22.84
CA VAL A 17 15.73 2.50 -23.55
C VAL A 17 15.82 2.74 -25.05
N GLY A 18 15.51 3.97 -25.47
CA GLY A 18 15.69 4.37 -26.86
C GLY A 18 14.79 3.60 -27.81
N ALA A 19 15.38 3.11 -28.90
CA ALA A 19 14.60 2.34 -29.87
C ALA A 19 13.96 1.11 -29.25
N HIS A 20 14.54 0.60 -28.16
CA HIS A 20 14.00 -0.60 -27.52
C HIS A 20 12.74 -0.31 -26.72
N ALA A 21 12.24 0.92 -26.77
CA ALA A 21 11.04 1.26 -26.01
C ALA A 21 9.95 0.21 -26.20
N GLY A 22 9.56 -0.04 -27.44
CA GLY A 22 8.61 -1.09 -27.73
C GLY A 22 8.93 -2.37 -27.01
N GLU A 23 10.13 -2.91 -27.29
CA GLU A 23 10.53 -4.22 -26.79
C GLU A 23 10.41 -4.32 -25.26
N TYR A 24 11.06 -3.41 -24.53
CA TYR A 24 11.00 -3.46 -23.07
C TYR A 24 9.56 -3.34 -22.57
N GLY A 25 8.78 -2.45 -23.20
CA GLY A 25 7.38 -2.31 -22.82
C GLY A 25 6.62 -3.61 -22.95
N ALA A 26 6.73 -4.27 -24.09
CA ALA A 26 6.02 -5.53 -24.31
C ALA A 26 6.45 -6.58 -23.29
N GLU A 27 7.76 -6.74 -23.08
CA GLU A 27 8.26 -7.71 -22.11
C GLU A 27 7.75 -7.41 -20.69
N ALA A 28 7.85 -6.16 -20.25
CA ALA A 28 7.30 -5.82 -18.93
C ALA A 28 5.87 -6.32 -18.78
N LEU A 29 5.09 -6.17 -19.84
CA LEU A 29 3.72 -6.65 -19.86
C LEU A 29 3.76 -8.18 -19.75
N GLU A 30 4.35 -8.84 -20.74
CA GLU A 30 4.47 -10.28 -20.72
C GLU A 30 4.83 -10.69 -19.30
N ARG A 31 5.85 -10.04 -18.72
CA ARG A 31 6.23 -10.37 -17.35
C ARG A 31 5.03 -10.26 -16.41
N MET A 32 4.31 -9.14 -16.45
CA MET A 32 3.15 -8.97 -15.56
C MET A 32 2.08 -10.04 -15.80
N PHE A 33 1.77 -10.35 -17.06
CA PHE A 33 0.65 -11.26 -17.34
C PHE A 33 0.96 -12.67 -16.89
N LEU A 34 2.22 -13.11 -17.06
CA LEU A 34 2.60 -14.44 -16.62
C LEU A 34 2.74 -14.51 -15.11
N SER A 35 3.42 -13.53 -14.51
CA SER A 35 3.65 -13.50 -13.07
C SER A 35 2.41 -13.17 -12.27
N PHE A 36 1.50 -12.37 -12.83
CA PHE A 36 0.30 -11.93 -12.11
C PHE A 36 -0.91 -12.03 -13.01
N PRO A 37 -1.46 -13.25 -13.17
CA PRO A 37 -2.53 -13.47 -14.18
C PRO A 37 -3.80 -12.63 -13.99
N THR A 38 -4.18 -12.27 -12.77
CA THR A 38 -5.39 -11.48 -12.60
C THR A 38 -5.34 -10.22 -13.46
N THR A 39 -4.15 -9.72 -13.75
CA THR A 39 -4.05 -8.51 -14.55
C THR A 39 -4.55 -8.71 -15.98
N LYS A 40 -4.72 -9.97 -16.41
CA LYS A 40 -5.31 -10.23 -17.72
C LYS A 40 -6.77 -9.78 -17.79
N THR A 41 -7.46 -9.73 -16.66
CA THR A 41 -8.86 -9.34 -16.63
CA THR A 41 -8.86 -9.34 -16.65
C THR A 41 -9.08 -7.96 -17.26
N TYR A 42 -8.04 -7.15 -17.38
CA TYR A 42 -8.20 -5.82 -17.97
C TYR A 42 -7.98 -5.83 -19.48
N PHE A 43 -7.54 -6.96 -20.06
CA PHE A 43 -7.11 -6.99 -21.46
C PHE A 43 -7.80 -8.12 -22.25
N PRO A 44 -9.10 -8.37 -22.02
CA PRO A 44 -9.73 -9.52 -22.68
C PRO A 44 -9.88 -9.33 -24.18
N HIS A 45 -9.81 -8.08 -24.64
CA HIS A 45 -9.81 -7.72 -26.06
C HIS A 45 -8.42 -7.81 -26.69
N PHE A 46 -7.41 -8.24 -25.94
CA PHE A 46 -6.05 -8.36 -26.44
C PHE A 46 -5.77 -9.81 -26.82
N ASP A 47 -4.69 -10.04 -27.55
CA ASP A 47 -4.31 -11.42 -27.86
C ASP A 47 -3.26 -11.76 -26.81
N LEU A 48 -3.60 -12.53 -25.77
CA LEU A 48 -2.62 -12.74 -24.77
C LEU A 48 -1.33 -13.42 -25.25
N SER A 49 -1.38 -14.15 -26.36
CA SER A 49 -0.26 -15.00 -26.74
C SER A 49 1.06 -14.25 -26.68
N HIS A 50 2.13 -15.03 -26.45
CA HIS A 50 3.49 -14.51 -26.51
C HIS A 50 3.82 -13.99 -27.90
N GLY A 51 4.48 -12.85 -27.95
CA GLY A 51 4.83 -12.24 -29.22
C GLY A 51 3.68 -11.51 -29.89
N SER A 52 2.47 -11.63 -29.36
CA SER A 52 1.26 -11.02 -29.92
C SER A 52 1.46 -9.55 -30.25
N ALA A 53 1.42 -9.19 -31.54
CA ALA A 53 1.60 -7.82 -32.00
C ALA A 53 0.70 -6.79 -31.31
N GLN A 54 -0.40 -7.23 -30.73
CA GLN A 54 -1.18 -6.31 -29.90
C GLN A 54 -0.49 -6.04 -28.57
N VAL A 55 0.03 -7.08 -27.92
CA VAL A 55 0.84 -6.83 -26.72
C VAL A 55 2.06 -6.02 -27.11
N LYS A 56 2.78 -6.49 -28.13
CA LYS A 56 4.00 -5.84 -28.60
C LYS A 56 3.78 -4.36 -28.92
N GLY A 57 2.70 -4.03 -29.61
CA GLY A 57 2.45 -2.64 -29.94
C GLY A 57 1.92 -1.83 -28.78
N HIS A 58 1.14 -2.46 -27.90
CA HIS A 58 0.72 -1.75 -26.71
C HIS A 58 1.94 -1.33 -25.90
N GLY A 59 2.90 -2.24 -25.73
CA GLY A 59 4.10 -1.91 -24.99
C GLY A 59 4.79 -0.66 -25.52
N LYS A 60 4.72 -0.45 -26.83
CA LYS A 60 5.37 0.72 -27.43
C LYS A 60 4.78 2.03 -26.90
N LYS A 61 3.47 2.06 -26.60
CA LYS A 61 2.83 3.29 -26.12
C LYS A 61 3.10 3.53 -24.64
N VAL A 62 3.06 2.47 -23.84
CA VAL A 62 3.37 2.61 -22.42
C VAL A 62 4.75 3.21 -22.25
N ALA A 63 5.70 2.71 -23.05
CA ALA A 63 7.07 3.23 -23.02
C ALA A 63 7.11 4.67 -23.50
N ASP A 64 6.49 4.97 -24.63
CA ASP A 64 6.33 6.36 -25.01
C ASP A 64 5.61 7.13 -23.89
N ALA A 65 4.43 6.66 -23.49
CA ALA A 65 3.71 7.28 -22.37
C ALA A 65 4.68 7.63 -21.25
N LEU A 66 5.41 6.62 -20.79
CA LEU A 66 6.42 6.84 -19.77
C LEU A 66 7.52 7.77 -20.25
N THR A 67 7.93 7.63 -21.53
CA THR A 67 8.83 8.62 -22.09
C THR A 67 8.20 10.00 -22.00
N ASN A 68 6.94 10.12 -22.39
CA ASN A 68 6.24 11.40 -22.22
C ASN A 68 6.11 11.79 -20.75
N ALA A 69 5.89 10.81 -19.86
CA ALA A 69 5.81 11.09 -18.43
C ALA A 69 7.17 11.56 -17.91
N VAL A 70 8.25 10.94 -18.39
CA VAL A 70 9.59 11.48 -18.18
C VAL A 70 9.73 12.84 -18.86
N ALA A 71 8.96 13.08 -19.93
CA ALA A 71 9.10 14.32 -20.69
C ALA A 71 8.41 15.48 -20.01
N HIS A 72 7.37 15.20 -19.24
CA HIS A 72 6.63 16.19 -18.47
C HIS A 72 6.64 15.81 -17.00
N VAL A 73 7.81 15.33 -16.53
CA VAL A 73 7.90 14.78 -15.17
C VAL A 73 7.35 15.76 -14.14
N ASP A 74 7.69 17.04 -14.25
CA ASP A 74 7.23 18.01 -13.27
C ASP A 74 5.95 18.72 -13.70
N ASP A 75 5.23 18.13 -14.65
CA ASP A 75 3.93 18.58 -15.11
C ASP A 75 3.05 17.35 -15.32
N MET A 76 3.38 16.26 -14.62
CA MET A 76 2.84 14.96 -14.98
C MET A 76 1.32 14.91 -14.94
N PRO A 77 0.66 15.47 -13.93
CA PRO A 77 -0.82 15.44 -13.93
C PRO A 77 -1.43 16.10 -15.16
N ASN A 78 -0.98 17.30 -15.52
CA ASN A 78 -1.45 17.88 -16.79
C ASN A 78 -1.12 16.97 -17.97
N ALA A 79 0.13 16.48 -18.03
CA ALA A 79 0.57 15.69 -19.18
C ALA A 79 -0.08 14.31 -19.25
N LEU A 80 -0.44 13.73 -18.12
CA LEU A 80 -1.06 12.42 -18.10
C LEU A 80 -2.57 12.49 -17.99
N SER A 81 -3.14 13.70 -18.09
CA SER A 81 -4.57 13.92 -17.92
C SER A 81 -5.40 12.87 -18.65
N ALA A 82 -5.11 12.65 -19.95
CA ALA A 82 -5.89 11.70 -20.72
C ALA A 82 -5.78 10.30 -20.14
N LEU A 83 -4.56 9.89 -19.76
CA LEU A 83 -4.39 8.54 -19.22
C LEU A 83 -5.02 8.40 -17.82
N SER A 84 -5.08 9.47 -17.05
CA SER A 84 -5.88 9.45 -15.83
C SER A 84 -7.33 9.12 -16.14
N ASP A 85 -7.95 9.88 -17.06
CA ASP A 85 -9.32 9.62 -17.47
C ASP A 85 -9.50 8.15 -17.87
N LEU A 86 -8.61 7.66 -18.73
CA LEU A 86 -8.70 6.29 -19.18
C LEU A 86 -8.65 5.33 -17.99
N HIS A 87 -7.62 5.46 -17.15
CA HIS A 87 -7.36 4.44 -16.14
C HIS A 87 -8.21 4.58 -14.88
N ALA A 88 -8.40 5.81 -14.40
CA ALA A 88 -9.13 5.98 -13.16
C ALA A 88 -10.63 6.11 -13.40
N HIS A 89 -11.03 6.95 -14.34
CA HIS A 89 -12.45 7.15 -14.62
C HIS A 89 -13.04 5.98 -15.40
N LYS A 90 -12.43 5.64 -16.53
CA LYS A 90 -13.05 4.65 -17.41
C LYS A 90 -12.77 3.22 -16.96
N LEU A 91 -11.49 2.84 -16.85
CA LEU A 91 -11.16 1.44 -16.60
C LEU A 91 -11.24 1.03 -15.13
N ARG A 92 -11.09 1.97 -14.20
CA ARG A 92 -11.24 1.64 -12.77
C ARG A 92 -10.15 0.67 -12.29
N VAL A 93 -8.94 0.82 -12.84
CA VAL A 93 -7.82 -0.06 -12.50
C VAL A 93 -7.53 0.03 -11.01
N ASP A 94 -7.60 -1.11 -10.33
CA ASP A 94 -7.23 -1.17 -8.92
C ASP A 94 -5.74 -0.86 -8.75
N PRO A 95 -5.38 0.00 -7.78
CA PRO A 95 -4.01 0.53 -7.74
C PRO A 95 -2.93 -0.52 -7.55
N VAL A 96 -3.26 -1.69 -7.00
CA VAL A 96 -2.22 -2.71 -6.85
C VAL A 96 -1.66 -3.09 -8.20
N ASN A 97 -2.48 -3.02 -9.25
CA ASN A 97 -2.01 -3.45 -10.56
C ASN A 97 -0.89 -2.56 -11.06
N PHE A 98 -0.92 -1.28 -10.71
CA PHE A 98 0.22 -0.41 -11.03
C PHE A 98 1.50 -0.83 -10.31
N LYS A 99 1.38 -1.37 -9.09
CA LYS A 99 2.58 -1.82 -8.40
C LYS A 99 3.17 -3.06 -9.07
N LEU A 100 2.29 -3.93 -9.58
CA LEU A 100 2.74 -5.08 -10.34
C LEU A 100 3.43 -4.67 -11.63
N LEU A 101 2.75 -3.84 -12.44
CA LEU A 101 3.41 -3.39 -13.67
C LEU A 101 4.71 -2.66 -13.35
N SER A 102 4.71 -1.86 -12.26
CA SER A 102 5.89 -1.10 -11.89
C SER A 102 7.06 -2.02 -11.54
N HIS A 103 6.77 -3.09 -10.82
CA HIS A 103 7.78 -4.08 -10.52
C HIS A 103 8.30 -4.77 -11.79
N CYS A 104 7.41 -5.23 -12.67
CA CYS A 104 7.85 -5.86 -13.92
C CYS A 104 8.69 -4.93 -14.78
N LEU A 105 8.40 -3.63 -14.73
CA LEU A 105 9.20 -2.70 -15.50
C LEU A 105 10.60 -2.63 -14.90
N LEU A 106 10.71 -2.64 -13.55
CA LEU A 106 12.01 -2.64 -12.90
C LEU A 106 12.79 -3.92 -13.21
N VAL A 107 12.11 -5.08 -13.12
CA VAL A 107 12.74 -6.34 -13.50
C VAL A 107 13.31 -6.24 -14.91
N THR A 108 12.51 -5.70 -15.84
CA THR A 108 12.94 -5.64 -17.23
C THR A 108 14.16 -4.75 -17.38
N LEU A 109 14.13 -3.58 -16.76
CA LEU A 109 15.28 -2.68 -16.77
C LEU A 109 16.49 -3.38 -16.16
N ALA A 110 16.31 -4.02 -15.00
CA ALA A 110 17.41 -4.73 -14.38
C ALA A 110 17.98 -5.77 -15.32
N ALA A 111 17.08 -6.50 -16.01
CA ALA A 111 17.54 -7.58 -16.88
C ALA A 111 18.24 -7.04 -18.12
N HIS A 112 17.76 -5.92 -18.66
CA HIS A 112 18.32 -5.43 -19.91
C HIS A 112 19.37 -4.36 -19.74
N LEU A 113 19.39 -3.64 -18.61
CA LEU A 113 20.25 -2.47 -18.44
C LEU A 113 21.07 -2.55 -17.15
N PRO A 114 21.82 -3.65 -16.95
CA PRO A 114 22.51 -3.82 -15.65
C PRO A 114 23.44 -2.69 -15.27
N ALA A 115 24.20 -2.11 -16.20
CA ALA A 115 25.12 -1.05 -15.79
C ALA A 115 24.36 0.18 -15.31
N GLU A 116 23.20 0.42 -15.84
CA GLU A 116 22.41 1.55 -15.43
C GLU A 116 21.51 1.32 -14.22
N PHE A 117 21.24 0.07 -13.86
CA PHE A 117 20.35 -0.23 -12.75
C PHE A 117 21.13 -0.29 -11.43
N THR A 118 21.83 0.81 -11.11
CA THR A 118 22.47 0.92 -9.81
C THR A 118 21.42 1.08 -8.73
N PRO A 119 21.78 0.90 -7.46
CA PRO A 119 20.79 1.10 -6.38
C PRO A 119 20.15 2.49 -6.39
N ALA A 120 20.94 3.54 -6.60
CA ALA A 120 20.39 4.90 -6.66
C ALA A 120 19.35 5.01 -7.76
N VAL A 121 19.67 4.51 -8.96
CA VAL A 121 18.76 4.66 -10.09
C VAL A 121 17.50 3.81 -9.86
N HIS A 122 17.68 2.58 -9.37
CA HIS A 122 16.55 1.72 -8.98
C HIS A 122 15.57 2.47 -8.07
N ALA A 123 16.10 3.17 -7.06
CA ALA A 123 15.24 3.86 -6.12
C ALA A 123 14.53 5.02 -6.80
N SER A 124 15.25 5.76 -7.64
CA SER A 124 14.58 6.84 -8.36
C SER A 124 13.49 6.32 -9.27
N LEU A 125 13.74 5.20 -9.97
CA LEU A 125 12.74 4.67 -10.90
C LEU A 125 11.50 4.22 -10.17
N ASP A 126 11.69 3.58 -9.02
CA ASP A 126 10.57 3.10 -8.21
C ASP A 126 9.68 4.27 -7.78
N LYS A 127 10.29 5.37 -7.31
CA LYS A 127 9.51 6.57 -6.98
C LYS A 127 8.84 7.16 -8.22
N PHE A 128 9.57 7.19 -9.34
CA PHE A 128 8.97 7.72 -10.56
C PHE A 128 7.74 6.90 -10.94
N LEU A 129 7.88 5.58 -10.94
CA LEU A 129 6.77 4.74 -11.33
C LEU A 129 5.64 4.81 -10.32
N ALA A 130 5.95 4.96 -9.04
CA ALA A 130 4.90 5.20 -8.05
C ALA A 130 4.19 6.52 -8.33
N SER A 131 4.93 7.52 -8.79
CA SER A 131 4.35 8.81 -9.10
CA SER A 131 4.34 8.82 -9.10
C SER A 131 3.43 8.72 -10.31
N VAL A 132 3.88 8.04 -11.36
CA VAL A 132 3.01 7.81 -12.50
C VAL A 132 1.79 7.04 -12.06
N SER A 133 1.99 6.03 -11.21
CA SER A 133 0.85 5.25 -10.73
C SER A 133 -0.17 6.11 -9.97
N THR A 134 0.31 7.05 -9.15
CA THR A 134 -0.62 7.90 -8.39
C THR A 134 -1.43 8.77 -9.33
N VAL A 135 -0.78 9.29 -10.37
CA VAL A 135 -1.50 10.14 -11.33
C VAL A 135 -2.57 9.35 -12.04
N LEU A 136 -2.25 8.11 -12.43
CA LEU A 136 -3.14 7.34 -13.30
C LEU A 136 -4.34 6.77 -12.54
N THR A 137 -4.25 6.68 -11.22
CA THR A 137 -5.33 6.12 -10.42
C THR A 137 -6.12 7.18 -9.69
N SER A 138 -5.87 8.46 -9.95
CA SER A 138 -6.54 9.54 -9.26
C SER A 138 -7.46 10.26 -10.22
N LYS A 139 -8.68 10.55 -9.76
CA LYS A 139 -9.65 11.34 -10.51
C LYS A 139 -9.52 12.79 -10.08
N TYR A 140 -8.99 13.63 -10.96
CA TYR A 140 -8.74 15.01 -10.60
C TYR A 140 -9.26 15.98 -11.66
N ARG A 141 -10.25 15.57 -12.42
CA ARG A 141 -10.80 16.49 -13.39
C ARG A 141 -11.92 17.13 -12.63
N VAL B 1 3.36 -23.59 -1.93
CA VAL B 1 3.33 -23.11 -3.31
C VAL B 1 3.57 -24.28 -4.21
N HIS B 2 2.91 -24.28 -5.36
CA HIS B 2 3.11 -25.39 -6.28
C HIS B 2 3.71 -24.86 -7.59
N LEU B 3 4.97 -25.18 -7.83
CA LEU B 3 5.56 -24.94 -9.14
C LEU B 3 5.47 -26.18 -10.01
N THR B 4 5.28 -25.95 -11.31
CA THR B 4 5.35 -27.05 -12.27
C THR B 4 6.76 -27.62 -12.31
N PRO B 5 6.91 -28.90 -12.67
CA PRO B 5 8.26 -29.49 -12.70
C PRO B 5 9.25 -28.67 -13.52
N VAL B 6 8.80 -28.01 -14.58
CA VAL B 6 9.75 -27.23 -15.37
C VAL B 6 10.07 -25.90 -14.68
N GLU B 7 9.11 -25.32 -13.95
CA GLU B 7 9.44 -24.16 -13.13
C GLU B 7 10.44 -24.53 -12.05
N LYS B 8 10.25 -25.68 -11.41
CA LYS B 8 11.20 -26.13 -10.39
C LYS B 8 12.60 -26.31 -10.98
N SER B 9 12.70 -26.95 -12.16
CA SER B 9 14.00 -27.12 -12.82
C SER B 9 14.64 -25.78 -13.15
N ALA B 10 13.88 -24.87 -13.77
CA ALA B 10 14.45 -23.58 -14.14
C ALA B 10 14.87 -22.79 -12.90
N VAL B 11 14.04 -22.82 -11.85
CA VAL B 11 14.33 -22.10 -10.61
C VAL B 11 15.63 -22.59 -10.00
N THR B 12 15.78 -23.91 -9.90
CA THR B 12 16.93 -24.50 -9.21
C THR B 12 18.22 -24.33 -10.00
N ALA B 13 18.16 -24.34 -11.34
CA ALA B 13 19.37 -24.13 -12.14
C ALA B 13 19.89 -22.70 -11.96
N LEU B 14 19.01 -21.71 -12.05
CA LEU B 14 19.43 -20.33 -11.81
C LEU B 14 19.99 -20.18 -10.40
N TRP B 15 19.25 -20.65 -9.40
CA TRP B 15 19.66 -20.52 -8.01
C TRP B 15 21.04 -21.12 -7.77
N GLY B 16 21.32 -22.26 -8.38
CA GLY B 16 22.62 -22.88 -8.25
C GLY B 16 23.76 -22.03 -8.79
N LYS B 17 23.46 -21.03 -9.62
CA LYS B 17 24.49 -20.10 -10.04
C LYS B 17 24.54 -18.85 -9.16
N VAL B 18 23.73 -18.79 -8.10
CA VAL B 18 23.68 -17.59 -7.26
C VAL B 18 24.94 -17.49 -6.41
N ASN B 19 25.53 -16.30 -6.40
CA ASN B 19 26.69 -16.04 -5.54
C ASN B 19 26.17 -15.91 -4.12
N VAL B 20 26.33 -16.97 -3.32
CA VAL B 20 25.68 -17.01 -2.02
C VAL B 20 26.26 -16.02 -1.03
N ASP B 21 27.41 -15.43 -1.35
CA ASP B 21 28.06 -14.47 -0.47
C ASP B 21 27.89 -13.03 -0.94
N GLU B 22 27.00 -12.78 -1.90
CA GLU B 22 26.84 -11.42 -2.41
C GLU B 22 25.36 -11.06 -2.61
N VAL B 23 24.63 -11.92 -3.33
CA VAL B 23 23.26 -11.59 -3.73
C VAL B 23 22.43 -11.22 -2.51
N GLY B 24 22.63 -11.93 -1.40
CA GLY B 24 21.89 -11.61 -0.20
C GLY B 24 22.12 -10.18 0.24
N GLY B 25 23.35 -9.71 0.13
CA GLY B 25 23.71 -8.36 0.52
C GLY B 25 23.21 -7.31 -0.46
N GLU B 26 23.29 -7.61 -1.75
CA GLU B 26 22.68 -6.74 -2.76
C GLU B 26 21.20 -6.53 -2.48
N ALA B 27 20.46 -7.62 -2.21
CA ALA B 27 19.03 -7.47 -2.00
C ALA B 27 18.73 -6.62 -0.77
N LEU B 28 19.42 -6.85 0.33
CA LEU B 28 19.21 -6.05 1.53
C LEU B 28 19.63 -4.61 1.35
N GLY B 29 20.77 -4.38 0.73
CA GLY B 29 21.22 -3.02 0.49
C GLY B 29 20.22 -2.25 -0.34
N ARG B 30 19.70 -2.89 -1.39
CA ARG B 30 18.71 -2.21 -2.22
C ARG B 30 17.44 -1.94 -1.43
N LEU B 31 17.03 -2.88 -0.57
CA LEU B 31 15.85 -2.63 0.25
C LEU B 31 16.04 -1.34 1.05
N LEU B 32 17.20 -1.24 1.71
CA LEU B 32 17.50 -0.07 2.55
C LEU B 32 17.69 1.19 1.73
N VAL B 33 18.10 1.07 0.47
CA VAL B 33 18.25 2.24 -0.39
C VAL B 33 16.94 2.61 -1.03
N VAL B 34 16.23 1.63 -1.59
CA VAL B 34 14.98 1.91 -2.31
C VAL B 34 13.85 2.23 -1.35
N TYR B 35 13.85 1.64 -0.14
CA TYR B 35 12.79 1.79 0.85
C TYR B 35 13.41 2.27 2.16
N PRO B 36 13.83 3.53 2.19
CA PRO B 36 14.81 3.96 3.21
C PRO B 36 14.30 3.86 4.63
N TRP B 37 12.99 3.77 4.85
CA TRP B 37 12.51 3.63 6.22
C TRP B 37 12.84 2.27 6.81
N THR B 38 13.17 1.27 5.99
CA THR B 38 13.58 -0.01 6.57
C THR B 38 14.88 0.11 7.33
N GLN B 39 15.69 1.13 7.02
CA GLN B 39 16.93 1.36 7.78
C GLN B 39 16.65 1.54 9.27
N ARG B 40 15.40 1.80 9.62
CA ARG B 40 15.02 2.00 11.01
C ARG B 40 15.29 0.73 11.82
N PHE B 41 15.13 -0.42 11.18
CA PHE B 41 15.35 -1.70 11.82
C PHE B 41 16.82 -2.06 11.94
N PHE B 42 17.74 -1.30 11.32
CA PHE B 42 19.15 -1.68 11.33
C PHE B 42 20.03 -0.54 11.79
N GLU B 43 19.57 0.25 12.75
CA GLU B 43 20.47 1.27 13.27
C GLU B 43 21.73 0.68 13.90
N SER B 44 21.75 -0.63 14.18
CA SER B 44 22.94 -1.30 14.72
C SER B 44 24.01 -1.52 13.67
N PHE B 45 23.77 -1.14 12.42
CA PHE B 45 24.62 -1.57 11.30
C PHE B 45 25.67 -0.55 10.90
N GLY B 46 25.62 0.67 11.42
CA GLY B 46 26.68 1.64 11.15
C GLY B 46 26.32 2.56 10.01
N ASP B 47 27.26 2.76 9.10
CA ASP B 47 27.06 3.76 8.04
C ASP B 47 26.01 3.29 7.05
N LEU B 48 24.91 4.06 6.95
CA LEU B 48 23.89 3.88 5.91
C LEU B 48 23.58 5.19 5.20
N SER B 49 24.46 6.19 5.33
CA SER B 49 24.14 7.56 4.91
C SER B 49 24.04 7.71 3.39
N THR B 50 24.66 6.82 2.64
CA THR B 50 24.63 6.91 1.18
C THR B 50 24.51 5.52 0.56
N PRO B 51 23.99 5.46 -0.68
CA PRO B 51 23.86 4.13 -1.31
C PRO B 51 25.16 3.35 -1.34
N ASP B 52 26.28 4.02 -1.64
CA ASP B 52 27.55 3.29 -1.69
C ASP B 52 27.95 2.81 -0.30
N ALA B 53 27.58 3.56 0.70
CA ALA B 53 27.86 3.16 2.04
C ALA B 53 27.02 1.94 2.35
N VAL B 54 25.73 2.00 2.02
CA VAL B 54 24.84 0.87 2.25
C VAL B 54 25.43 -0.38 1.61
N MET B 55 25.69 -0.33 0.30
CA MET B 55 26.10 -1.54 -0.40
C MET B 55 27.46 -2.02 0.08
N GLY B 56 28.41 -1.13 0.29
CA GLY B 56 29.72 -1.50 0.79
C GLY B 56 29.76 -1.86 2.26
N ASN B 57 28.69 -1.63 2.99
CA ASN B 57 28.70 -1.79 4.46
C ASN B 57 28.87 -3.24 4.88
N PRO B 58 29.98 -3.59 5.56
CA PRO B 58 30.22 -5.01 5.87
C PRO B 58 29.09 -5.69 6.62
N LYS B 59 28.42 -4.98 7.53
CA LYS B 59 27.32 -5.57 8.26
C LYS B 59 26.14 -5.89 7.34
N VAL B 60 25.95 -5.09 6.32
CA VAL B 60 24.87 -5.34 5.38
C VAL B 60 25.20 -6.63 4.66
N LYS B 61 26.37 -6.68 4.02
CA LYS B 61 26.75 -7.92 3.34
C LYS B 61 26.60 -9.11 4.26
N ALA B 62 27.07 -8.98 5.50
CA ALA B 62 26.96 -10.06 6.47
C ALA B 62 25.51 -10.51 6.64
N HIS B 63 24.63 -9.57 6.98
CA HIS B 63 23.25 -9.98 7.29
C HIS B 63 22.53 -10.47 6.04
N GLY B 64 22.91 -9.99 4.85
CA GLY B 64 22.24 -10.42 3.64
C GLY B 64 22.48 -11.88 3.32
N LYS B 65 23.62 -12.42 3.75
CA LYS B 65 23.89 -13.82 3.46
C LYS B 65 22.96 -14.74 4.24
N LYS B 66 22.61 -14.38 5.47
CA LYS B 66 21.74 -15.27 6.23
C LYS B 66 20.32 -15.21 5.71
N VAL B 67 19.91 -14.06 5.15
CA VAL B 67 18.60 -13.93 4.54
C VAL B 67 18.52 -14.79 3.28
N LEU B 68 19.58 -14.74 2.46
CA LEU B 68 19.65 -15.64 1.31
C LEU B 68 19.54 -17.09 1.74
N GLY B 69 20.11 -17.43 2.90
CA GLY B 69 20.07 -18.80 3.36
C GLY B 69 18.68 -19.26 3.73
N ALA B 70 17.86 -18.34 4.21
CA ALA B 70 16.47 -18.67 4.51
C ALA B 70 15.69 -18.91 3.23
N PHE B 71 15.80 -17.99 2.26
CA PHE B 71 15.18 -18.22 0.96
C PHE B 71 15.60 -19.57 0.39
N SER B 72 16.86 -20.00 0.62
CA SER B 72 17.27 -21.34 0.22
C SER B 72 16.50 -22.40 0.99
N ASP B 73 16.44 -22.29 2.31
CA ASP B 73 15.64 -23.22 3.11
CA ASP B 73 15.64 -23.22 3.11
C ASP B 73 14.21 -23.28 2.58
N GLY B 74 13.67 -22.12 2.21
CA GLY B 74 12.33 -22.11 1.66
C GLY B 74 12.23 -22.93 0.39
N LEU B 75 13.21 -22.76 -0.51
CA LEU B 75 13.18 -23.46 -1.79
C LEU B 75 13.20 -24.98 -1.59
N ALA B 76 13.95 -25.45 -0.59
CA ALA B 76 13.99 -26.89 -0.32
C ALA B 76 12.71 -27.41 0.31
N HIS B 77 11.82 -26.53 0.78
CA HIS B 77 10.63 -26.91 1.52
C HIS B 77 9.43 -26.08 1.03
N LEU B 78 9.18 -26.17 -0.27
CA LEU B 78 8.12 -25.40 -0.92
C LEU B 78 6.69 -25.75 -0.55
N ASP B 79 6.44 -26.97 -0.11
CA ASP B 79 5.08 -27.37 0.23
C ASP B 79 4.74 -27.08 1.68
N ASN B 80 5.77 -26.73 2.46
CA ASN B 80 5.59 -26.44 3.87
C ASN B 80 6.43 -25.21 4.21
N LEU B 81 6.01 -24.05 3.69
CA LEU B 81 6.76 -22.83 3.97
C LEU B 81 6.37 -22.26 5.34
N LYS B 82 5.15 -22.53 5.81
CA LYS B 82 4.75 -22.05 7.12
C LYS B 82 5.64 -22.64 8.20
N GLY B 83 5.70 -23.97 8.26
CA GLY B 83 6.58 -24.64 9.20
C GLY B 83 8.00 -24.11 9.16
N THR B 84 8.61 -24.14 7.96
CA THR B 84 10.01 -23.71 7.84
C THR B 84 10.22 -22.34 8.48
N PHE B 85 9.31 -21.39 8.23
CA PHE B 85 9.46 -20.03 8.71
C PHE B 85 8.62 -19.76 9.97
N ALA B 86 8.18 -20.80 10.65
CA ALA B 86 7.35 -20.62 11.84
C ALA B 86 8.07 -19.79 12.89
N THR B 87 9.33 -20.13 13.18
CA THR B 87 10.06 -19.36 14.18
C THR B 87 10.46 -18.01 13.63
N LEU B 88 10.90 -17.94 12.37
CA LEU B 88 11.23 -16.66 11.77
C LEU B 88 10.04 -15.72 11.83
N SER B 89 8.83 -16.24 11.68
CA SER B 89 7.67 -15.37 11.74
C SER B 89 7.53 -14.79 13.12
N GLU B 90 7.64 -15.65 14.12
CA GLU B 90 7.60 -15.16 15.50
C GLU B 90 8.58 -14.00 15.68
N LEU B 91 9.78 -14.13 15.13
CA LEU B 91 10.80 -13.09 15.24
C LEU B 91 10.49 -11.76 14.54
N HIS B 92 9.91 -11.83 13.35
CA HIS B 92 9.60 -10.62 12.58
C HIS B 92 8.24 -9.95 12.85
N CYS B 93 7.27 -10.69 13.38
CA CYS B 93 5.95 -10.14 13.65
C CYS B 93 5.71 -9.86 15.13
N ASP B 94 6.16 -10.76 16.00
CA ASP B 94 5.97 -10.57 17.43
C ASP B 94 7.10 -9.74 18.06
N LYS B 95 8.35 -10.04 17.74
CA LYS B 95 9.46 -9.34 18.37
C LYS B 95 9.80 -8.01 17.69
N LEU B 96 10.04 -8.05 16.37
CA LEU B 96 10.44 -6.85 15.65
C LEU B 96 9.34 -5.89 15.22
N HIS B 97 8.13 -6.40 15.03
CA HIS B 97 7.00 -5.57 14.59
C HIS B 97 7.24 -4.94 13.20
N VAL B 98 7.75 -5.75 12.28
CA VAL B 98 7.94 -5.32 10.90
C VAL B 98 6.60 -5.38 10.19
N ASP B 99 6.17 -4.27 9.61
CA ASP B 99 4.92 -4.31 8.89
C ASP B 99 5.05 -5.27 7.71
N PRO B 100 4.14 -6.23 7.55
CA PRO B 100 4.39 -7.31 6.58
C PRO B 100 4.38 -6.86 5.12
N GLU B 101 3.94 -5.63 4.82
CA GLU B 101 4.15 -5.10 3.48
C GLU B 101 5.63 -5.15 3.09
N ASN B 102 6.53 -4.90 4.06
CA ASN B 102 7.96 -4.90 3.76
C ASN B 102 8.50 -6.28 3.36
N PHE B 103 7.79 -7.37 3.70
CA PHE B 103 8.24 -8.69 3.29
C PHE B 103 8.07 -8.89 1.79
N ARG B 104 6.93 -8.42 1.27
CA ARG B 104 6.70 -8.36 -0.17
C ARG B 104 7.76 -7.52 -0.86
N LEU B 105 8.17 -6.43 -0.21
CA LEU B 105 9.16 -5.55 -0.82
C LEU B 105 10.50 -6.25 -0.96
N LEU B 106 10.99 -6.88 0.10
CA LEU B 106 12.28 -7.57 -0.01
C LEU B 106 12.22 -8.65 -1.06
N GLY B 107 11.13 -9.42 -1.08
CA GLY B 107 11.01 -10.46 -2.07
C GLY B 107 11.06 -9.91 -3.47
N ASN B 108 10.41 -8.76 -3.69
CA ASN B 108 10.46 -8.16 -5.00
C ASN B 108 11.82 -7.54 -5.30
N VAL B 109 12.51 -6.99 -4.29
CA VAL B 109 13.90 -6.55 -4.48
C VAL B 109 14.80 -7.74 -4.86
N LEU B 110 14.68 -8.87 -4.14
CA LEU B 110 15.43 -10.06 -4.53
C LEU B 110 15.20 -10.44 -5.98
N VAL B 111 13.94 -10.40 -6.45
CA VAL B 111 13.66 -10.70 -7.85
C VAL B 111 14.39 -9.72 -8.75
N CYS B 112 14.33 -8.43 -8.42
CA CYS B 112 15.12 -7.48 -9.21
C CYS B 112 16.63 -7.83 -9.18
N VAL B 113 17.16 -8.30 -8.04
CA VAL B 113 18.57 -8.66 -7.99
C VAL B 113 18.85 -9.88 -8.86
N LEU B 114 17.95 -10.87 -8.83
CA LEU B 114 18.14 -12.04 -9.69
C LEU B 114 18.11 -11.62 -11.15
N ALA B 115 17.21 -10.70 -11.50
CA ALA B 115 17.17 -10.19 -12.86
C ALA B 115 18.47 -9.48 -13.22
N HIS B 116 18.95 -8.62 -12.33
CA HIS B 116 20.18 -7.91 -12.55
C HIS B 116 21.32 -8.86 -12.86
N HIS B 117 21.47 -9.91 -12.04
CA HIS B 117 22.58 -10.85 -12.21
C HIS B 117 22.42 -11.71 -13.46
N PHE B 118 21.20 -12.13 -13.81
CA PHE B 118 21.05 -13.15 -14.83
C PHE B 118 20.55 -12.64 -16.18
N GLY B 119 20.11 -11.38 -16.25
CA GLY B 119 19.78 -10.81 -17.55
C GLY B 119 18.72 -11.63 -18.28
N LYS B 120 18.97 -11.84 -19.57
CA LYS B 120 18.06 -12.60 -20.42
C LYS B 120 17.72 -13.97 -19.83
N GLU B 121 18.69 -14.61 -19.18
CA GLU B 121 18.41 -15.89 -18.52
C GLU B 121 17.24 -15.79 -17.55
N PHE B 122 17.02 -14.61 -16.97
CA PHE B 122 15.87 -14.39 -16.08
C PHE B 122 14.65 -14.03 -16.92
N THR B 123 14.15 -15.05 -17.61
CA THR B 123 13.04 -14.88 -18.54
C THR B 123 11.73 -14.65 -17.81
N PRO B 124 10.67 -14.29 -18.53
CA PRO B 124 9.38 -14.04 -17.89
C PRO B 124 8.81 -15.30 -17.26
N PRO B 125 8.88 -16.46 -17.94
CA PRO B 125 8.53 -17.70 -17.24
C PRO B 125 9.33 -17.93 -15.98
N VAL B 126 10.66 -17.85 -16.06
CA VAL B 126 11.49 -17.99 -14.87
C VAL B 126 11.07 -16.99 -13.79
N GLN B 127 10.89 -15.71 -14.17
CA GLN B 127 10.42 -14.76 -13.16
C GLN B 127 9.09 -15.22 -12.59
N ALA B 128 8.16 -15.65 -13.45
CA ALA B 128 6.85 -16.06 -12.96
C ALA B 128 7.00 -17.08 -11.84
N ALA B 129 7.92 -18.03 -12.02
CA ALA B 129 8.16 -19.06 -11.01
C ALA B 129 8.66 -18.45 -9.70
N TYR B 130 9.69 -17.58 -9.77
CA TYR B 130 10.25 -16.97 -8.57
C TYR B 130 9.22 -16.08 -7.84
N GLN B 131 8.39 -15.35 -8.58
CA GLN B 131 7.31 -14.62 -7.93
C GLN B 131 6.48 -15.56 -7.06
N LYS B 132 6.18 -16.76 -7.58
CA LYS B 132 5.47 -17.75 -6.77
C LYS B 132 6.24 -18.02 -5.48
N VAL B 133 7.56 -18.29 -5.62
CA VAL B 133 8.39 -18.55 -4.44
C VAL B 133 8.31 -17.40 -3.44
N VAL B 134 8.70 -16.18 -3.86
CA VAL B 134 8.82 -15.09 -2.88
C VAL B 134 7.47 -14.71 -2.28
N ALA B 135 6.38 -14.80 -3.06
CA ALA B 135 5.06 -14.64 -2.46
C ALA B 135 4.89 -15.67 -1.35
N GLY B 136 5.25 -16.93 -1.62
CA GLY B 136 5.16 -17.94 -0.59
C GLY B 136 5.91 -17.56 0.66
N VAL B 137 7.17 -17.14 0.52
CA VAL B 137 8.01 -16.86 1.68
C VAL B 137 7.42 -15.70 2.49
N ALA B 138 7.10 -14.59 1.83
CA ALA B 138 6.57 -13.42 2.54
C ALA B 138 5.38 -13.80 3.41
N ASN B 139 4.47 -14.62 2.89
CA ASN B 139 3.26 -14.89 3.66
C ASN B 139 3.54 -15.88 4.79
N ALA B 140 4.36 -16.90 4.54
CA ALA B 140 4.79 -17.75 5.64
C ALA B 140 5.55 -16.94 6.69
N LEU B 141 6.28 -15.92 6.27
CA LEU B 141 6.92 -15.02 7.22
C LEU B 141 5.89 -14.16 7.94
N ALA B 142 4.80 -13.81 7.25
CA ALA B 142 3.71 -13.06 7.84
C ALA B 142 2.74 -13.94 8.61
N HIS B 143 2.99 -15.25 8.68
CA HIS B 143 1.97 -16.20 9.14
C HIS B 143 1.38 -15.81 10.50
N LYS B 144 2.22 -15.44 11.43
CA LYS B 144 1.69 -15.08 12.72
C LYS B 144 0.52 -14.13 12.56
N TYR B 145 0.70 -13.11 11.75
CA TYR B 145 -0.36 -12.13 11.56
C TYR B 145 -1.67 -12.65 10.99
N HIS B 146 -1.66 -13.86 10.44
CA HIS B 146 -2.82 -14.52 9.92
C HIS B 146 -3.50 -15.30 11.08
N VAL C 1 -2.99 13.62 -6.39
CA VAL C 1 -3.48 14.73 -7.21
C VAL C 1 -4.90 15.12 -6.82
N LEU C 2 -5.09 16.33 -6.33
CA LEU C 2 -6.38 16.75 -5.84
C LEU C 2 -7.10 17.47 -6.97
N SER C 3 -8.38 17.18 -7.15
CA SER C 3 -9.18 17.88 -8.14
C SER C 3 -9.49 19.27 -7.61
N PRO C 4 -9.98 20.17 -8.47
CA PRO C 4 -10.40 21.48 -7.95
C PRO C 4 -11.47 21.37 -6.88
N ALA C 5 -12.44 20.46 -7.03
CA ALA C 5 -13.42 20.26 -5.97
C ALA C 5 -12.77 19.62 -4.75
N ASP C 6 -11.70 18.85 -4.95
CA ASP C 6 -10.96 18.31 -3.83
C ASP C 6 -10.42 19.45 -2.96
N LYS C 7 -9.78 20.42 -3.59
CA LYS C 7 -9.13 21.50 -2.87
C LYS C 7 -10.14 22.38 -2.11
N THR C 8 -11.29 22.67 -2.71
CA THR C 8 -12.26 23.50 -2.04
C THR C 8 -12.94 22.73 -0.91
N ASN C 9 -13.25 21.45 -1.14
CA ASN C 9 -13.69 20.59 -0.06
C ASN C 9 -12.74 20.65 1.13
N VAL C 10 -11.45 20.34 0.92
CA VAL C 10 -10.53 20.30 2.05
C VAL C 10 -10.51 21.64 2.79
N LYS C 11 -10.42 22.75 2.05
CA LYS C 11 -10.24 24.05 2.68
C LYS C 11 -11.48 24.44 3.47
N ALA C 12 -12.67 24.26 2.89
CA ALA C 12 -13.90 24.56 3.61
C ALA C 12 -14.03 23.66 4.83
N ALA C 13 -13.70 22.37 4.70
CA ALA C 13 -13.82 21.47 5.85
C ALA C 13 -12.84 21.85 6.96
N TRP C 14 -11.59 22.12 6.61
CA TRP C 14 -10.61 22.53 7.62
C TRP C 14 -11.06 23.81 8.33
N GLY C 15 -11.61 24.77 7.58
CA GLY C 15 -12.15 25.96 8.20
C GLY C 15 -13.07 25.65 9.37
N LYS C 16 -14.01 24.73 9.16
CA LYS C 16 -14.92 24.35 10.24
C LYS C 16 -14.19 23.74 11.43
N VAL C 17 -13.00 23.17 11.23
CA VAL C 17 -12.21 22.73 12.38
C VAL C 17 -11.85 23.94 13.24
N GLY C 18 -11.26 24.95 12.62
CA GLY C 18 -11.06 26.22 13.30
C GLY C 18 -10.21 26.08 14.53
N ALA C 19 -10.74 26.54 15.66
CA ALA C 19 -9.98 26.59 16.90
C ALA C 19 -9.79 25.22 17.53
N HIS C 20 -10.55 24.21 17.09
CA HIS C 20 -10.44 22.86 17.64
C HIS C 20 -9.30 22.05 16.99
N ALA C 21 -8.58 22.63 16.04
CA ALA C 21 -7.43 21.97 15.41
C ALA C 21 -6.58 21.19 16.39
N GLY C 22 -6.01 21.89 17.39
CA GLY C 22 -5.15 21.23 18.36
C GLY C 22 -5.86 20.13 19.13
N GLU C 23 -7.13 20.36 19.48
CA GLU C 23 -7.91 19.31 20.14
C GLU C 23 -8.03 18.07 19.25
N TYR C 24 -8.26 18.25 17.95
CA TYR C 24 -8.45 17.08 17.10
C TYR C 24 -7.13 16.39 16.79
N GLY C 25 -6.05 17.17 16.66
CA GLY C 25 -4.73 16.58 16.58
C GLY C 25 -4.46 15.63 17.73
N ALA C 26 -4.67 16.09 18.96
CA ALA C 26 -4.33 15.23 20.11
C ALA C 26 -5.23 14.01 20.18
N GLU C 27 -6.50 14.14 19.82
CA GLU C 27 -7.38 12.97 19.84
C GLU C 27 -6.98 11.95 18.76
N ALA C 28 -6.76 12.42 17.54
CA ALA C 28 -6.26 11.52 16.50
C ALA C 28 -5.01 10.79 16.99
N LEU C 29 -4.14 11.52 17.70
CA LEU C 29 -2.91 10.94 18.24
C LEU C 29 -3.21 9.84 19.27
N GLU C 30 -4.19 10.07 20.14
CA GLU C 30 -4.53 9.10 21.18
C GLU C 30 -5.20 7.88 20.55
N ARG C 31 -6.19 8.12 19.68
CA ARG C 31 -6.81 7.04 18.92
C ARG C 31 -5.76 6.16 18.27
N MET C 32 -4.78 6.78 17.61
CA MET C 32 -3.74 6.01 16.94
C MET C 32 -2.95 5.15 17.92
N PHE C 33 -2.49 5.75 19.05
CA PHE C 33 -1.69 4.99 20.00
C PHE C 33 -2.46 3.85 20.64
N LEU C 34 -3.77 4.03 20.82
CA LEU C 34 -4.58 2.98 21.45
C LEU C 34 -4.96 1.93 20.43
N SER C 35 -5.32 2.38 19.22
CA SER C 35 -5.78 1.45 18.21
C SER C 35 -4.63 0.68 17.57
N PHE C 36 -3.44 1.28 17.47
CA PHE C 36 -2.30 0.70 16.74
C PHE C 36 -1.03 0.81 17.57
N PRO C 37 -0.89 -0.03 18.59
CA PRO C 37 0.15 0.22 19.60
C PRO C 37 1.56 0.22 19.08
N THR C 38 1.83 -0.39 17.91
CA THR C 38 3.17 -0.36 17.37
C THR C 38 3.63 1.07 17.08
N THR C 39 2.71 1.97 16.70
CA THR C 39 3.09 3.36 16.46
C THR C 39 3.72 4.03 17.69
N LYS C 40 3.46 3.50 18.89
CA LYS C 40 4.03 4.13 20.08
C LYS C 40 5.54 4.06 20.08
N THR C 41 6.11 3.09 19.35
CA THR C 41 7.56 2.93 19.37
C THR C 41 8.27 4.12 18.73
N TYR C 42 7.56 4.96 17.97
CA TYR C 42 8.15 6.21 17.49
C TYR C 42 8.21 7.31 18.55
N PHE C 43 7.57 7.14 19.71
CA PHE C 43 7.54 8.19 20.75
C PHE C 43 8.03 7.65 22.10
N PRO C 44 9.25 7.09 22.15
CA PRO C 44 9.69 6.46 23.40
C PRO C 44 9.97 7.45 24.51
N HIS C 45 10.15 8.73 24.18
CA HIS C 45 10.36 9.78 25.17
C HIS C 45 9.09 10.54 25.53
N PHE C 46 7.96 10.09 25.01
CA PHE C 46 6.68 10.74 25.27
C PHE C 46 5.84 10.02 26.33
N ASP C 47 5.30 10.80 27.26
CA ASP C 47 4.47 10.29 28.33
C ASP C 47 3.17 10.06 27.57
N LEU C 48 2.81 8.81 27.36
CA LEU C 48 1.66 8.50 26.54
C LEU C 48 0.41 8.16 27.29
N SER C 49 0.34 8.52 28.55
CA SER C 49 -0.86 8.27 29.35
CA SER C 49 -0.86 8.23 29.33
C SER C 49 -2.04 9.07 28.83
N HIS C 50 -3.24 8.57 29.11
CA HIS C 50 -4.45 9.30 28.74
C HIS C 50 -4.36 10.74 29.26
N GLY C 51 -4.79 11.69 28.45
CA GLY C 51 -4.74 13.07 28.88
C GLY C 51 -3.34 13.63 29.04
N SER C 52 -2.35 13.00 28.42
CA SER C 52 -0.96 13.42 28.52
C SER C 52 -0.74 14.81 27.94
N ALA C 53 0.11 15.59 28.61
CA ALA C 53 0.43 16.93 28.14
C ALA C 53 1.31 16.89 26.91
N GLN C 54 2.23 15.93 26.83
CA GLN C 54 3.05 15.80 25.64
C GLN C 54 2.22 15.44 24.42
N VAL C 55 1.24 14.56 24.58
CA VAL C 55 0.39 14.21 23.43
C VAL C 55 -0.43 15.42 22.99
N LYS C 56 -0.81 16.28 23.92
CA LYS C 56 -1.63 17.44 23.58
C LYS C 56 -0.81 18.52 22.90
N GLY C 57 0.35 18.88 23.46
CA GLY C 57 1.27 19.75 22.73
C GLY C 57 1.60 19.21 21.34
N HIS C 58 1.78 17.90 21.24
CA HIS C 58 2.17 17.39 19.94
C HIS C 58 1.00 17.40 18.95
N GLY C 59 -0.21 17.06 19.43
CA GLY C 59 -1.37 17.15 18.55
C GLY C 59 -1.52 18.54 17.94
N LYS C 60 -1.17 19.57 18.71
CA LYS C 60 -1.27 20.93 18.20
C LYS C 60 -0.28 21.18 17.08
N LYS C 61 0.96 20.68 17.23
CA LYS C 61 1.95 20.85 16.17
C LYS C 61 1.49 20.17 14.88
N VAL C 62 0.97 18.95 15.02
CA VAL C 62 0.50 18.20 13.86
C VAL C 62 -0.64 18.93 13.18
N ALA C 63 -1.62 19.37 13.96
CA ALA C 63 -2.76 20.14 13.45
C ALA C 63 -2.29 21.39 12.72
N ASP C 64 -1.39 22.15 13.35
CA ASP C 64 -0.83 23.34 12.71
C ASP C 64 -0.13 22.99 11.40
N ALA C 65 0.61 21.88 11.37
CA ALA C 65 1.27 21.51 10.12
C ALA C 65 0.25 21.20 9.03
N LEU C 66 -0.81 20.46 9.39
CA LEU C 66 -1.89 20.19 8.45
C LEU C 66 -2.57 21.47 8.01
N THR C 67 -2.80 22.38 8.96
CA THR C 67 -3.39 23.66 8.55
C THR C 67 -2.47 24.36 7.56
N ASN C 68 -1.17 24.31 7.80
CA ASN C 68 -0.26 24.95 6.85
C ASN C 68 -0.30 24.25 5.48
N ALA C 69 -0.42 22.92 5.46
CA ALA C 69 -0.54 22.23 4.17
C ALA C 69 -1.79 22.63 3.42
N VAL C 70 -2.91 22.81 4.14
CA VAL C 70 -4.14 23.33 3.53
C VAL C 70 -3.90 24.70 2.90
N ALA C 71 -3.29 25.62 3.65
CA ALA C 71 -2.98 26.93 3.09
C ALA C 71 -2.17 26.80 1.80
N HIS C 72 -1.21 25.86 1.75
CA HIS C 72 -0.26 25.75 0.65
C HIS C 72 -0.50 24.50 -0.17
N VAL C 73 -1.76 24.16 -0.40
CA VAL C 73 -2.11 22.87 -0.97
C VAL C 73 -1.56 22.69 -2.39
N ASP C 74 -1.25 23.79 -3.10
CA ASP C 74 -0.67 23.72 -4.44
C ASP C 74 0.85 23.66 -4.45
N ASP C 75 1.53 24.05 -3.37
CA ASP C 75 2.98 23.89 -3.29
C ASP C 75 3.37 23.09 -2.05
N MET C 76 2.75 21.93 -1.86
CA MET C 76 2.97 21.18 -0.62
C MET C 76 4.42 20.75 -0.45
N PRO C 77 5.09 20.18 -1.46
CA PRO C 77 6.50 19.79 -1.25
C PRO C 77 7.35 20.93 -0.71
N ASN C 78 7.28 22.10 -1.30
CA ASN C 78 8.05 23.23 -0.79
C ASN C 78 7.66 23.54 0.65
N ALA C 79 6.36 23.68 0.91
CA ALA C 79 5.90 24.17 2.21
C ALA C 79 6.13 23.16 3.32
N LEU C 80 6.26 21.88 3.00
CA LEU C 80 6.49 20.86 4.01
C LEU C 80 7.91 20.30 3.99
N SER C 81 8.87 21.01 3.40
CA SER C 81 10.16 20.37 3.16
C SER C 81 10.90 20.10 4.47
N ALA C 82 10.81 21.00 5.46
CA ALA C 82 11.41 20.69 6.75
C ALA C 82 10.75 19.49 7.42
N LEU C 83 9.43 19.32 7.27
CA LEU C 83 8.79 18.16 7.89
C LEU C 83 9.11 16.86 7.17
N SER C 84 9.34 16.89 5.85
CA SER C 84 9.81 15.69 5.14
C SER C 84 11.23 15.31 5.56
N ASP C 85 12.12 16.29 5.67
CA ASP C 85 13.43 16.05 6.26
C ASP C 85 13.33 15.30 7.59
N LEU C 86 12.52 15.81 8.51
CA LEU C 86 12.36 15.15 9.80
C LEU C 86 11.82 13.72 9.65
N HIS C 87 10.71 13.54 8.94
CA HIS C 87 10.03 12.25 8.93
C HIS C 87 10.70 11.25 7.99
N ALA C 88 11.27 11.71 6.89
CA ALA C 88 11.85 10.78 5.94
C ALA C 88 13.34 10.54 6.19
N HIS C 89 14.11 11.58 6.50
CA HIS C 89 15.55 11.40 6.70
C HIS C 89 15.89 10.98 8.13
N LYS C 90 15.38 11.71 9.12
CA LYS C 90 15.85 11.46 10.47
C LYS C 90 15.03 10.37 11.17
N LEU C 91 13.71 10.51 11.17
CA LEU C 91 12.84 9.53 11.81
C LEU C 91 12.69 8.26 10.99
N ARG C 92 12.64 8.36 9.66
CA ARG C 92 12.45 7.18 8.82
C ARG C 92 11.18 6.42 9.24
N VAL C 93 10.06 7.14 9.27
CA VAL C 93 8.80 6.54 9.63
C VAL C 93 8.31 5.61 8.52
N ASP C 94 7.90 4.42 8.88
CA ASP C 94 7.30 3.54 7.87
C ASP C 94 6.01 4.15 7.30
N PRO C 95 5.90 4.31 5.97
CA PRO C 95 4.64 4.87 5.41
C PRO C 95 3.34 4.25 5.93
N VAL C 96 3.34 2.98 6.33
CA VAL C 96 2.12 2.42 6.89
C VAL C 96 1.61 3.27 8.06
N ASN C 97 2.52 3.89 8.81
CA ASN C 97 2.07 4.64 9.97
C ASN C 97 1.32 5.91 9.56
N PHE C 98 1.65 6.49 8.44
CA PHE C 98 0.88 7.62 7.94
C PHE C 98 -0.54 7.21 7.58
N LYS C 99 -0.72 6.00 7.04
CA LYS C 99 -2.10 5.56 6.81
C LYS C 99 -2.84 5.38 8.13
N LEU C 100 -2.19 4.83 9.15
CA LEU C 100 -2.87 4.68 10.42
C LEU C 100 -3.32 6.03 10.95
N LEU C 101 -2.40 7.00 10.96
CA LEU C 101 -2.75 8.32 11.51
C LEU C 101 -3.76 9.07 10.64
N SER C 102 -3.65 8.99 9.31
CA SER C 102 -4.69 9.61 8.49
C SER C 102 -6.04 9.01 8.81
N HIS C 103 -6.10 7.69 8.94
CA HIS C 103 -7.37 7.06 9.29
C HIS C 103 -7.90 7.60 10.62
N CYS C 104 -7.04 7.71 11.61
CA CYS C 104 -7.51 8.23 12.89
C CYS C 104 -7.91 9.71 12.79
N LEU C 105 -7.26 10.49 11.91
CA LEU C 105 -7.70 11.86 11.70
C LEU C 105 -9.11 11.88 11.10
N LEU C 106 -9.39 10.99 10.15
CA LEU C 106 -10.72 10.94 9.57
C LEU C 106 -11.74 10.52 10.61
N VAL C 107 -11.38 9.56 11.46
CA VAL C 107 -12.34 9.12 12.49
C VAL C 107 -12.68 10.29 13.39
N THR C 108 -11.65 11.05 13.78
CA THR C 108 -11.86 12.23 14.64
C THR C 108 -12.78 13.25 13.96
N LEU C 109 -12.51 13.57 12.68
CA LEU C 109 -13.38 14.54 11.99
C LEU C 109 -14.81 14.03 11.91
N ALA C 110 -14.97 12.75 11.55
CA ALA C 110 -16.28 12.15 11.45
C ALA C 110 -17.03 12.17 12.78
N ALA C 111 -16.28 12.15 13.88
CA ALA C 111 -16.89 12.15 15.21
C ALA C 111 -17.28 13.55 15.64
N HIS C 112 -16.48 14.55 15.28
CA HIS C 112 -16.70 15.91 15.74
C HIS C 112 -17.47 16.79 14.77
N LEU C 113 -17.45 16.48 13.48
CA LEU C 113 -18.02 17.37 12.46
C LEU C 113 -18.88 16.56 11.51
N PRO C 114 -19.91 15.88 12.04
CA PRO C 114 -20.74 15.01 11.20
C PRO C 114 -21.40 15.74 10.04
N ALA C 115 -21.82 17.00 10.21
CA ALA C 115 -22.40 17.72 9.08
C ALA C 115 -21.40 17.88 7.94
N GLU C 116 -20.12 18.08 8.26
CA GLU C 116 -19.13 18.30 7.21
C GLU C 116 -18.66 17.01 6.55
N PHE C 117 -18.76 15.88 7.24
CA PHE C 117 -18.12 14.64 6.78
C PHE C 117 -19.01 13.92 5.76
N THR C 118 -19.36 14.64 4.69
CA THR C 118 -20.09 14.02 3.59
C THR C 118 -19.22 12.97 2.93
N PRO C 119 -19.81 12.09 2.11
CA PRO C 119 -18.98 11.13 1.36
C PRO C 119 -17.93 11.80 0.50
N ALA C 120 -18.33 12.83 -0.24
CA ALA C 120 -17.39 13.56 -1.08
C ALA C 120 -16.30 14.23 -0.25
N VAL C 121 -16.66 14.86 0.87
CA VAL C 121 -15.62 15.46 1.69
C VAL C 121 -14.70 14.38 2.23
N HIS C 122 -15.28 13.25 2.61
CA HIS C 122 -14.46 12.12 3.06
C HIS C 122 -13.44 11.75 2.00
N ALA C 123 -13.91 11.61 0.74
CA ALA C 123 -12.99 11.24 -0.33
C ALA C 123 -11.88 12.27 -0.48
N SER C 124 -12.25 13.56 -0.49
CA SER C 124 -11.29 14.64 -0.67
C SER C 124 -10.30 14.71 0.48
N LEU C 125 -10.78 14.58 1.72
CA LEU C 125 -9.87 14.59 2.85
C LEU C 125 -8.89 13.44 2.78
N ASP C 126 -9.37 12.27 2.33
CA ASP C 126 -8.50 11.09 2.29
C ASP C 126 -7.34 11.31 1.34
N LYS C 127 -7.62 11.86 0.16
CA LYS C 127 -6.56 12.15 -0.81
C LYS C 127 -5.59 13.19 -0.29
N PHE C 128 -6.13 14.23 0.37
CA PHE C 128 -5.29 15.27 0.94
C PHE C 128 -4.28 14.67 1.92
N LEU C 129 -4.76 13.83 2.85
CA LEU C 129 -3.85 13.26 3.85
C LEU C 129 -2.91 12.22 3.22
N ALA C 130 -3.39 11.46 2.24
CA ALA C 130 -2.47 10.64 1.45
C ALA C 130 -1.39 11.51 0.78
N SER C 131 -1.76 12.69 0.35
CA SER C 131 -0.83 13.60 -0.28
C SER C 131 0.19 14.10 0.68
N VAL C 132 -0.27 14.55 1.84
CA VAL C 132 0.65 14.99 2.88
C VAL C 132 1.63 13.87 3.23
N SER C 133 1.11 12.64 3.38
CA SER C 133 1.90 11.48 3.77
C SER C 133 2.98 11.18 2.73
N THR C 134 2.65 11.33 1.46
CA THR C 134 3.63 11.12 0.38
C THR C 134 4.74 12.15 0.48
N VAL C 135 4.39 13.42 0.71
CA VAL C 135 5.46 14.42 0.87
C VAL C 135 6.35 14.07 2.07
N LEU C 136 5.73 13.78 3.22
CA LEU C 136 6.49 13.59 4.47
C LEU C 136 7.36 12.33 4.46
N THR C 137 7.05 11.33 3.63
CA THR C 137 7.86 10.11 3.59
C THR C 137 8.78 10.07 2.38
N SER C 138 8.80 11.10 1.55
CA SER C 138 9.71 11.16 0.43
CA SER C 138 9.70 11.22 0.40
C SER C 138 10.99 11.91 0.79
N LYS C 139 12.11 11.41 0.28
CA LYS C 139 13.41 12.06 0.48
C LYS C 139 13.69 12.81 -0.82
N TYR C 140 13.51 14.13 -0.81
CA TYR C 140 13.66 14.89 -2.05
C TYR C 140 14.58 16.09 -1.90
N ARG C 141 15.49 16.09 -0.94
CA ARG C 141 16.39 17.23 -0.83
C ARG C 141 17.73 16.85 -1.41
N HIS D 2 -9.30 -12.22 21.57
CA HIS D 2 -8.71 -10.97 21.13
C HIS D 2 -9.13 -9.83 22.05
N LEU D 3 -10.44 -9.62 22.14
CA LEU D 3 -11.10 -8.66 23.01
C LEU D 3 -11.04 -9.08 24.48
N THR D 4 -10.47 -8.21 25.31
CA THR D 4 -10.55 -8.37 26.75
C THR D 4 -11.99 -8.21 27.19
N PRO D 5 -12.32 -8.61 28.42
CA PRO D 5 -13.71 -8.49 28.87
C PRO D 5 -14.28 -7.09 28.70
N VAL D 6 -13.60 -6.08 29.24
CA VAL D 6 -14.10 -4.71 29.12
C VAL D 6 -14.19 -4.27 27.67
N GLU D 7 -13.35 -4.82 26.81
CA GLU D 7 -13.47 -4.53 25.38
C GLU D 7 -14.73 -5.14 24.80
N LYS D 8 -14.91 -6.46 24.95
CA LYS D 8 -16.07 -7.11 24.36
C LYS D 8 -17.35 -6.37 24.76
N SER D 9 -17.48 -6.04 26.04
CA SER D 9 -18.67 -5.35 26.50
C SER D 9 -18.81 -3.98 25.84
N ALA D 10 -17.69 -3.32 25.57
CA ALA D 10 -17.74 -2.04 24.88
C ALA D 10 -18.34 -2.21 23.50
N VAL D 11 -17.77 -3.11 22.70
CA VAL D 11 -18.23 -3.24 21.32
C VAL D 11 -19.67 -3.75 21.32
N THR D 12 -19.94 -4.82 22.08
CA THR D 12 -21.31 -5.30 22.28
C THR D 12 -22.29 -4.12 22.40
N ALA D 13 -22.15 -3.31 23.45
CA ALA D 13 -23.15 -2.29 23.76
C ALA D 13 -23.40 -1.38 22.57
N LEU D 14 -22.31 -0.86 22.00
CA LEU D 14 -22.43 0.06 20.89
C LEU D 14 -23.10 -0.60 19.70
N TRP D 15 -22.70 -1.83 19.36
CA TRP D 15 -23.31 -2.50 18.22
C TRP D 15 -24.81 -2.67 18.38
N GLY D 16 -25.30 -2.64 19.62
CA GLY D 16 -26.74 -2.74 19.82
C GLY D 16 -27.51 -1.58 19.21
N LYS D 17 -26.90 -0.40 19.17
CA LYS D 17 -27.61 0.81 18.75
C LYS D 17 -27.48 1.09 17.26
N VAL D 18 -26.80 0.23 16.51
CA VAL D 18 -26.56 0.48 15.09
C VAL D 18 -27.84 0.24 14.31
N ASN D 19 -28.19 1.19 13.45
CA ASN D 19 -29.23 0.95 12.45
C ASN D 19 -28.71 -0.08 11.45
N VAL D 20 -29.32 -1.27 11.45
CA VAL D 20 -28.88 -2.35 10.57
C VAL D 20 -29.51 -2.26 9.19
N ASP D 21 -30.29 -1.23 8.91
CA ASP D 21 -30.77 -0.97 7.56
C ASP D 21 -30.14 0.27 6.96
N GLU D 22 -29.08 0.80 7.57
CA GLU D 22 -28.50 2.04 7.06
C GLU D 22 -26.97 2.04 7.04
N VAL D 23 -26.33 1.69 8.16
CA VAL D 23 -24.87 1.86 8.26
C VAL D 23 -24.16 0.94 7.26
N GLY D 24 -24.63 -0.30 7.13
CA GLY D 24 -24.05 -1.17 6.12
C GLY D 24 -24.02 -0.53 4.75
N GLY D 25 -25.10 0.14 4.37
CA GLY D 25 -25.17 0.77 3.07
C GLY D 25 -24.28 1.99 2.95
N GLU D 26 -24.14 2.75 4.05
CA GLU D 26 -23.27 3.93 4.02
C GLU D 26 -21.80 3.55 3.91
N ALA D 27 -21.41 2.43 4.51
CA ALA D 27 -20.01 2.02 4.46
C ALA D 27 -19.64 1.58 3.04
N LEU D 28 -20.49 0.78 2.44
CA LEU D 28 -20.26 0.35 1.11
C LEU D 28 -20.26 1.53 0.16
N GLY D 29 -21.23 2.41 0.29
CA GLY D 29 -21.27 3.58 -0.58
C GLY D 29 -20.05 4.46 -0.41
N ARG D 30 -19.59 4.62 0.83
CA ARG D 30 -18.40 5.42 1.04
C ARG D 30 -17.16 4.74 0.51
N LEU D 31 -17.10 3.41 0.60
CA LEU D 31 -16.02 2.67 -0.05
C LEU D 31 -15.98 3.00 -1.53
N LEU D 32 -17.13 2.90 -2.20
CA LEU D 32 -17.18 3.14 -3.64
C LEU D 32 -16.84 4.56 -3.99
N VAL D 33 -17.09 5.50 -3.08
CA VAL D 33 -16.83 6.92 -3.34
C VAL D 33 -15.38 7.27 -3.03
N VAL D 34 -14.92 6.92 -1.82
CA VAL D 34 -13.56 7.28 -1.40
C VAL D 34 -12.51 6.49 -2.18
N TYR D 35 -12.84 5.25 -2.56
CA TYR D 35 -11.90 4.34 -3.23
C TYR D 35 -12.54 3.87 -4.53
N PRO D 36 -12.63 4.76 -5.52
CA PRO D 36 -13.58 4.55 -6.63
C PRO D 36 -13.27 3.36 -7.49
N TRP D 37 -12.02 2.89 -7.50
CA TRP D 37 -11.74 1.72 -8.34
C TRP D 37 -12.52 0.50 -7.89
N THR D 38 -12.99 0.46 -6.64
CA THR D 38 -13.82 -0.67 -6.24
C THR D 38 -15.12 -0.71 -7.03
N GLN D 39 -15.54 0.42 -7.61
CA GLN D 39 -16.73 0.42 -8.44
C GLN D 39 -16.67 -0.69 -9.47
N ARG D 40 -15.47 -1.01 -9.96
CA ARG D 40 -15.32 -2.02 -11.01
C ARG D 40 -15.96 -3.33 -10.63
N PHE D 41 -16.05 -3.63 -9.33
CA PHE D 41 -16.65 -4.87 -8.88
C PHE D 41 -18.18 -4.81 -8.89
N PHE D 42 -18.79 -3.76 -9.46
CA PHE D 42 -20.23 -3.57 -9.33
C PHE D 42 -20.87 -2.97 -10.57
N GLU D 43 -20.33 -3.23 -11.77
CA GLU D 43 -21.04 -2.73 -12.93
C GLU D 43 -22.43 -3.34 -13.04
N SER D 44 -22.73 -4.39 -12.27
CA SER D 44 -24.08 -4.92 -12.19
C SER D 44 -25.04 -4.00 -11.45
N PHE D 45 -24.52 -3.09 -10.61
CA PHE D 45 -25.32 -2.30 -9.68
C PHE D 45 -25.84 -1.01 -10.29
N GLY D 46 -25.44 -0.66 -11.50
CA GLY D 46 -25.98 0.51 -12.17
C GLY D 46 -25.37 1.83 -11.75
N ASP D 47 -26.24 2.82 -11.51
CA ASP D 47 -25.77 4.20 -11.34
C ASP D 47 -24.81 4.31 -10.17
N LEU D 48 -23.53 4.52 -10.48
CA LEU D 48 -22.54 4.84 -9.47
C LEU D 48 -21.72 6.05 -9.87
N SER D 49 -22.34 6.97 -10.61
CA SER D 49 -21.65 8.08 -11.25
C SER D 49 -21.28 9.21 -10.30
N THR D 50 -22.07 9.45 -9.27
CA THR D 50 -21.86 10.56 -8.37
C THR D 50 -21.92 10.03 -6.93
N PRO D 51 -21.33 10.78 -5.99
CA PRO D 51 -21.55 10.45 -4.56
C PRO D 51 -23.04 10.34 -4.23
N ASP D 52 -23.86 11.31 -4.62
CA ASP D 52 -25.28 11.17 -4.31
C ASP D 52 -25.88 9.98 -5.05
N ALA D 53 -25.52 9.78 -6.32
CA ALA D 53 -25.97 8.60 -7.05
C ALA D 53 -25.60 7.31 -6.31
N VAL D 54 -24.31 7.19 -5.93
CA VAL D 54 -23.87 6.00 -5.22
C VAL D 54 -24.66 5.81 -3.92
N MET D 55 -24.63 6.83 -3.04
CA MET D 55 -25.17 6.66 -1.69
C MET D 55 -26.66 6.37 -1.67
N GLY D 56 -27.36 6.53 -2.81
CA GLY D 56 -28.77 6.26 -2.83
C GLY D 56 -29.12 4.99 -3.59
N ASN D 57 -28.12 4.40 -4.26
CA ASN D 57 -28.38 3.22 -5.06
C ASN D 57 -29.02 2.14 -4.19
N PRO D 58 -30.26 1.73 -4.49
CA PRO D 58 -30.96 0.77 -3.61
C PRO D 58 -30.21 -0.55 -3.45
N LYS D 59 -29.50 -1.00 -4.48
CA LYS D 59 -28.76 -2.24 -4.33
C LYS D 59 -27.50 -2.04 -3.47
N VAL D 60 -26.98 -0.83 -3.47
CA VAL D 60 -25.84 -0.51 -2.63
C VAL D 60 -26.30 -0.67 -1.18
N LYS D 61 -27.48 -0.13 -0.87
CA LYS D 61 -28.05 -0.25 0.48
C LYS D 61 -28.33 -1.71 0.82
N ALA D 62 -29.00 -2.42 -0.09
CA ALA D 62 -29.32 -3.83 0.17
C ALA D 62 -28.06 -4.65 0.39
N HIS D 63 -27.05 -4.45 -0.47
CA HIS D 63 -25.80 -5.19 -0.29
C HIS D 63 -25.14 -4.84 1.03
N GLY D 64 -25.11 -3.54 1.37
CA GLY D 64 -24.55 -3.11 2.64
C GLY D 64 -25.19 -3.80 3.81
N LYS D 65 -26.53 -3.94 3.79
CA LYS D 65 -27.18 -4.73 4.81
C LYS D 65 -26.55 -6.12 4.91
N LYS D 66 -26.22 -6.73 3.78
CA LYS D 66 -25.64 -8.07 3.81
C LYS D 66 -24.27 -8.07 4.45
N VAL D 67 -23.48 -7.02 4.21
CA VAL D 67 -22.11 -6.99 4.73
C VAL D 67 -22.12 -6.69 6.22
N LEU D 68 -22.92 -5.70 6.64
CA LEU D 68 -23.15 -5.51 8.06
C LEU D 68 -23.67 -6.79 8.70
N GLY D 69 -24.52 -7.51 7.98
CA GLY D 69 -24.93 -8.82 8.44
C GLY D 69 -23.75 -9.75 8.62
N ALA D 70 -22.85 -9.77 7.63
CA ALA D 70 -21.60 -10.51 7.78
C ALA D 70 -20.85 -10.06 9.03
N PHE D 71 -20.73 -8.74 9.22
CA PHE D 71 -20.01 -8.23 10.39
C PHE D 71 -20.71 -8.63 11.67
N SER D 72 -22.04 -8.42 11.73
CA SER D 72 -22.82 -8.96 12.85
C SER D 72 -22.44 -10.40 13.15
N ASP D 73 -22.33 -11.22 12.08
CA ASP D 73 -21.96 -12.63 12.24
C ASP D 73 -20.53 -12.79 12.70
N GLY D 74 -19.63 -11.88 12.30
CA GLY D 74 -18.28 -11.93 12.83
C GLY D 74 -18.25 -11.61 14.31
N LEU D 75 -18.95 -10.55 14.71
CA LEU D 75 -19.06 -10.24 16.14
C LEU D 75 -19.60 -11.43 16.92
N ALA D 76 -20.60 -12.12 16.37
CA ALA D 76 -21.17 -13.26 17.09
C ALA D 76 -20.10 -14.30 17.44
N HIS D 77 -19.27 -14.67 16.47
CA HIS D 77 -18.27 -15.72 16.64
C HIS D 77 -16.87 -15.16 16.40
N LEU D 78 -16.41 -14.34 17.34
CA LEU D 78 -15.02 -13.90 17.43
C LEU D 78 -14.09 -15.01 17.89
N ASP D 79 -14.71 -16.18 18.04
CA ASP D 79 -13.99 -17.40 18.39
C ASP D 79 -13.17 -17.91 17.21
N ASN D 80 -13.71 -17.80 16.01
CA ASN D 80 -13.30 -18.55 14.83
C ASN D 80 -13.88 -17.86 13.60
N LEU D 81 -13.54 -16.58 13.40
CA LEU D 81 -13.99 -15.88 12.19
C LEU D 81 -13.43 -16.53 10.94
N LYS D 82 -12.36 -17.31 11.11
CA LYS D 82 -11.76 -18.03 10.01
C LYS D 82 -12.85 -18.92 9.43
N GLY D 83 -13.43 -19.78 10.26
CA GLY D 83 -14.50 -20.64 9.81
C GLY D 83 -15.76 -19.87 9.49
N THR D 84 -16.09 -18.89 10.32
CA THR D 84 -17.29 -18.07 10.08
C THR D 84 -17.30 -17.55 8.64
N PHE D 85 -16.22 -16.90 8.22
CA PHE D 85 -16.11 -16.33 6.88
C PHE D 85 -15.45 -17.28 5.88
N ALA D 86 -15.29 -18.55 6.23
CA ALA D 86 -14.59 -19.48 5.33
C ALA D 86 -15.23 -19.49 3.95
N THR D 87 -16.56 -19.40 3.89
CA THR D 87 -17.27 -19.43 2.62
C THR D 87 -17.12 -18.10 1.89
N LEU D 88 -17.27 -16.98 2.61
CA LEU D 88 -17.09 -15.67 1.98
C LEU D 88 -15.68 -15.54 1.41
N SER D 89 -14.68 -15.98 2.17
CA SER D 89 -13.31 -15.88 1.68
C SER D 89 -13.18 -16.54 0.31
N GLU D 90 -13.83 -17.69 0.15
CA GLU D 90 -13.76 -18.39 -1.13
C GLU D 90 -14.32 -17.52 -2.25
N LEU D 91 -15.47 -16.89 -2.02
CA LEU D 91 -16.07 -16.06 -3.06
C LEU D 91 -15.20 -14.83 -3.33
N HIS D 92 -14.69 -14.19 -2.29
CA HIS D 92 -13.97 -12.94 -2.50
C HIS D 92 -12.61 -13.20 -3.14
N CYS D 93 -11.94 -14.27 -2.72
CA CYS D 93 -10.56 -14.53 -3.14
C CYS D 93 -10.52 -15.41 -4.40
N ASP D 94 -11.00 -16.65 -4.27
CA ASP D 94 -10.86 -17.62 -5.35
C ASP D 94 -11.69 -17.24 -6.56
N LYS D 95 -12.85 -16.61 -6.35
CA LYS D 95 -13.77 -16.35 -7.45
C LYS D 95 -13.65 -14.95 -8.04
N LEU D 96 -13.75 -13.90 -7.22
CA LEU D 96 -13.79 -12.55 -7.78
C LEU D 96 -12.44 -11.84 -7.77
N HIS D 97 -11.44 -12.38 -7.06
CA HIS D 97 -10.06 -11.86 -7.07
C HIS D 97 -9.99 -10.40 -6.62
N VAL D 98 -10.60 -10.11 -5.48
CA VAL D 98 -10.52 -8.77 -4.89
C VAL D 98 -9.22 -8.69 -4.11
N ASP D 99 -8.38 -7.72 -4.44
CA ASP D 99 -7.15 -7.56 -3.67
C ASP D 99 -7.50 -7.38 -2.18
N PRO D 100 -6.80 -8.07 -1.27
CA PRO D 100 -7.18 -8.02 0.15
C PRO D 100 -6.92 -6.68 0.83
N GLU D 101 -6.13 -5.78 0.24
CA GLU D 101 -6.02 -4.45 0.81
C GLU D 101 -7.40 -3.79 0.86
N ASN D 102 -8.25 -4.10 -0.13
CA ASN D 102 -9.59 -3.55 -0.15
C ASN D 102 -10.42 -4.03 1.04
N PHE D 103 -10.13 -5.23 1.55
CA PHE D 103 -10.82 -5.66 2.76
C PHE D 103 -10.50 -4.70 3.90
N ARG D 104 -9.21 -4.38 4.07
CA ARG D 104 -8.81 -3.43 5.11
C ARG D 104 -9.50 -2.08 4.93
N LEU D 105 -9.58 -1.60 3.69
CA LEU D 105 -10.21 -0.31 3.42
C LEU D 105 -11.68 -0.32 3.83
N LEU D 106 -12.39 -1.42 3.58
CA LEU D 106 -13.79 -1.43 3.95
C LEU D 106 -13.95 -1.38 5.46
N GLY D 107 -13.13 -2.14 6.18
CA GLY D 107 -13.23 -2.12 7.63
C GLY D 107 -12.98 -0.74 8.19
N ASN D 108 -12.00 -0.04 7.64
CA ASN D 108 -11.72 1.30 8.12
C ASN D 108 -12.85 2.26 7.79
N VAL D 109 -13.53 2.05 6.65
CA VAL D 109 -14.67 2.90 6.32
C VAL D 109 -15.83 2.63 7.29
N LEU D 110 -16.14 1.36 7.54
CA LEU D 110 -17.16 1.04 8.53
C LEU D 110 -16.85 1.72 9.87
N VAL D 111 -15.59 1.68 10.28
CA VAL D 111 -15.16 2.36 11.51
C VAL D 111 -15.45 3.86 11.43
N CYS D 112 -15.01 4.50 10.34
CA CYS D 112 -15.44 5.87 10.10
C CYS D 112 -16.95 6.00 10.26
N VAL D 113 -17.72 5.15 9.59
CA VAL D 113 -19.17 5.33 9.58
C VAL D 113 -19.74 5.15 10.98
N LEU D 114 -19.10 4.31 11.80
CA LEU D 114 -19.53 4.22 13.19
C LEU D 114 -19.24 5.51 13.94
N ALA D 115 -18.07 6.10 13.70
CA ALA D 115 -17.73 7.37 14.35
C ALA D 115 -18.67 8.47 13.88
N HIS D 116 -18.98 8.48 12.60
CA HIS D 116 -19.89 9.49 12.07
C HIS D 116 -21.25 9.45 12.75
N HIS D 117 -21.76 8.25 13.04
CA HIS D 117 -23.11 8.14 13.60
C HIS D 117 -23.11 8.33 15.11
N PHE D 118 -22.18 7.70 15.83
CA PHE D 118 -22.20 7.68 17.28
C PHE D 118 -21.43 8.82 17.93
N GLY D 119 -20.64 9.56 17.14
CA GLY D 119 -20.01 10.79 17.63
C GLY D 119 -19.13 10.57 18.84
N LYS D 120 -19.40 11.34 19.90
CA LYS D 120 -18.52 11.29 21.06
C LYS D 120 -18.56 9.91 21.72
N GLU D 121 -19.65 9.16 21.57
CA GLU D 121 -19.73 7.81 22.12
C GLU D 121 -18.65 6.89 21.53
N PHE D 122 -18.17 7.16 20.32
CA PHE D 122 -17.14 6.32 19.69
C PHE D 122 -15.76 6.75 20.19
N THR D 123 -15.53 6.49 21.48
CA THR D 123 -14.27 6.89 22.13
C THR D 123 -13.06 6.12 21.63
N PRO D 124 -11.86 6.72 21.82
CA PRO D 124 -10.63 6.04 21.38
C PRO D 124 -10.61 4.59 21.82
N PRO D 125 -11.06 4.30 23.05
CA PRO D 125 -11.03 2.90 23.48
C PRO D 125 -12.03 2.03 22.76
N VAL D 126 -13.16 2.58 22.39
CA VAL D 126 -14.14 1.81 21.62
C VAL D 126 -13.63 1.58 20.20
N GLN D 127 -13.07 2.61 19.58
CA GLN D 127 -12.45 2.42 18.28
C GLN D 127 -11.40 1.32 18.32
N ALA D 128 -10.58 1.31 19.37
CA ALA D 128 -9.47 0.37 19.43
C ALA D 128 -9.98 -1.06 19.42
N ALA D 129 -11.04 -1.33 20.18
CA ALA D 129 -11.61 -2.68 20.15
C ALA D 129 -12.17 -3.00 18.77
N TYR D 130 -12.85 -2.03 18.15
CA TYR D 130 -13.41 -2.28 16.83
C TYR D 130 -12.32 -2.52 15.79
N GLN D 131 -11.17 -1.84 15.93
CA GLN D 131 -10.06 -2.05 15.00
C GLN D 131 -9.57 -3.48 15.06
N LYS D 132 -9.57 -4.07 16.25
CA LYS D 132 -9.25 -5.49 16.35
C LYS D 132 -10.29 -6.33 15.62
N VAL D 133 -11.56 -5.94 15.71
CA VAL D 133 -12.62 -6.72 15.09
C VAL D 133 -12.51 -6.66 13.57
N VAL D 134 -12.41 -5.45 13.01
CA VAL D 134 -12.42 -5.31 11.56
C VAL D 134 -11.15 -5.92 10.96
N ALA D 135 -10.00 -5.80 11.64
CA ALA D 135 -8.80 -6.51 11.20
C ALA D 135 -9.01 -8.03 11.22
N GLY D 136 -9.79 -8.54 12.18
CA GLY D 136 -10.06 -9.96 12.20
C GLY D 136 -10.92 -10.40 11.03
N VAL D 137 -11.87 -9.56 10.63
CA VAL D 137 -12.76 -9.89 9.51
C VAL D 137 -11.99 -9.82 8.20
N ALA D 138 -11.14 -8.80 8.04
CA ALA D 138 -10.36 -8.71 6.81
C ALA D 138 -9.38 -9.87 6.72
N ASN D 139 -8.74 -10.21 7.84
CA ASN D 139 -7.85 -11.36 7.86
C ASN D 139 -8.61 -12.64 7.51
N ALA D 140 -9.63 -12.99 8.31
CA ALA D 140 -10.44 -14.16 8.03
C ALA D 140 -10.92 -14.18 6.58
N LEU D 141 -11.46 -13.04 6.11
CA LEU D 141 -11.92 -12.95 4.73
C LEU D 141 -10.82 -13.31 3.74
N ALA D 142 -9.56 -12.98 4.04
CA ALA D 142 -8.45 -13.23 3.13
C ALA D 142 -7.76 -14.57 3.42
N HIS D 143 -8.38 -15.45 4.20
CA HIS D 143 -7.71 -16.69 4.60
C HIS D 143 -7.32 -17.52 3.39
N LYS D 144 -8.16 -17.54 2.35
CA LYS D 144 -7.86 -18.33 1.15
C LYS D 144 -6.67 -17.78 0.37
N TYR D 145 -6.07 -16.66 0.81
CA TYR D 145 -4.85 -16.14 0.24
C TYR D 145 -3.61 -16.53 1.04
N HIS D 146 -3.77 -17.15 2.21
CA HIS D 146 -2.64 -17.44 3.09
C HIS D 146 -2.21 -18.89 3.00
#